data_8UCH
#
_entry.id   8UCH
#
_cell.length_a   82.020
_cell.length_b   97.251
_cell.length_c   140.101
_cell.angle_alpha   90.000
_cell.angle_beta   90.000
_cell.angle_gamma   90.000
#
_symmetry.space_group_name_H-M   'C 2 2 21'
#
loop_
_entity.id
_entity.type
_entity.pdbx_description
1 polymer 'ATP dependent DNA ligase'
2 non-polymer "ADENOSINE-5'-TRIPHOSPHATE"
3 non-polymer GLYCEROL
4 non-polymer SPERMIDINE
5 non-polymer 'MAGNESIUM ION'
6 non-polymer 'SODIUM ION'
7 water water
#
_entity_poly.entity_id   1
_entity_poly.type   'polypeptide(L)'
_entity_poly.pdbx_seq_one_letter_code
;MGSSHHHHHHSSGLVPRGSHMMVSSYFKGILLNLGLDEERIEVLENKGGIVEDEFEGMRYLRLKDSARSLRRGTVVFDEH
NIILGFPHIKRVVQLENGIRRAFKRKPFYVEEAVDGYNVRVAKIGEKILVFTRGGFVCPFTTERIEDFITLDFFKDYPNM
VLCGEMAGPESPYLVEGPPYVKEDIQFFLFDIQEKKTGRSLPVEERLKLAEEYGIPSVEVFGLYDLSRIDELHALIDRLT
KEKREGIVMKSPDMKKIVKYVTPYANINDIKIGARIFFDLPHGYFMQRIKRLAFYLAERKIRGEEFDEYARALGKVLLEP
FVESIWDISSGDDEIAELFTVRVKKLETAHKMVTHFERLRLKIHIDDIEVLDNGYWRITFKRVYPDATKEMRELWNGHAF
VD
;
_entity_poly.pdbx_strand_id   A
#
loop_
_chem_comp.id
_chem_comp.type
_chem_comp.name
_chem_comp.formula
ATP non-polymer ADENOSINE-5'-TRIPHOSPHATE 'C10 H16 N5 O13 P3'
GOL non-polymer GLYCEROL 'C3 H8 O3'
MG non-polymer 'MAGNESIUM ION' 'Mg 2'
NA non-polymer 'SODIUM ION' 'Na 1'
SPD non-polymer SPERMIDINE 'C7 H19 N3'
#
# COMPACT_ATOMS: atom_id res chain seq x y z
N MET A 22 27.98 -9.41 5.20
CA MET A 22 26.52 -9.32 5.11
C MET A 22 26.09 -8.68 3.80
N VAL A 23 26.86 -7.68 3.37
CA VAL A 23 26.54 -6.91 2.17
C VAL A 23 27.82 -6.74 1.36
N SER A 24 27.72 -6.93 0.04
CA SER A 24 28.90 -6.94 -0.80
C SER A 24 29.55 -5.56 -0.89
N SER A 25 30.88 -5.57 -1.01
CA SER A 25 31.62 -4.33 -1.21
C SER A 25 31.31 -3.66 -2.55
N TYR A 26 30.69 -4.37 -3.49
CA TYR A 26 30.19 -3.71 -4.70
C TYR A 26 29.16 -2.66 -4.32
N PHE A 27 28.19 -3.03 -3.49
CA PHE A 27 27.15 -2.06 -3.12
C PHE A 27 27.70 -1.01 -2.16
N LYS A 28 28.63 -1.40 -1.29
CA LYS A 28 29.17 -0.41 -0.35
C LYS A 28 29.96 0.66 -1.09
N GLY A 29 30.73 0.27 -2.10
CA GLY A 29 31.34 1.26 -2.98
C GLY A 29 30.34 2.23 -3.56
N ILE A 30 29.17 1.73 -3.98
CA ILE A 30 28.15 2.63 -4.54
C ILE A 30 27.68 3.61 -3.48
N LEU A 31 27.42 3.13 -2.27
CA LEU A 31 26.93 4.02 -1.21
C LEU A 31 27.97 5.08 -0.88
N LEU A 32 29.26 4.73 -0.93
CA LEU A 32 30.31 5.71 -0.66
C LEU A 32 30.27 6.82 -1.71
N ASN A 33 30.23 6.46 -2.99
CA ASN A 33 30.13 7.46 -4.06
C ASN A 33 28.91 8.36 -3.90
N LEU A 34 27.84 7.86 -3.28
CA LEU A 34 26.70 8.72 -3.00
C LEU A 34 26.92 9.60 -1.78
N GLY A 35 28.17 9.76 -1.34
CA GLY A 35 28.49 10.63 -0.24
C GLY A 35 28.28 10.07 1.15
N LEU A 36 27.70 8.87 1.28
CA LEU A 36 27.56 8.27 2.60
C LEU A 36 28.94 8.05 3.24
N ASP A 37 28.97 8.16 4.56
CA ASP A 37 30.21 7.95 5.31
C ASP A 37 30.45 6.47 5.51
N GLU A 38 31.72 6.07 5.40
CA GLU A 38 32.07 4.66 5.52
C GLU A 38 31.62 4.08 6.85
N GLU A 39 31.71 4.86 7.93
CA GLU A 39 31.31 4.34 9.23
C GLU A 39 29.82 4.08 9.30
N ARG A 40 29.03 4.96 8.68
CA ARG A 40 27.58 4.74 8.66
C ARG A 40 27.22 3.49 7.87
N ILE A 41 27.92 3.24 6.76
CA ILE A 41 27.66 2.03 5.98
C ILE A 41 27.88 0.80 6.84
N GLU A 42 29.01 0.75 7.55
CA GLU A 42 29.30 -0.39 8.41
C GLU A 42 28.20 -0.58 9.45
N VAL A 43 27.71 0.52 10.04
CA VAL A 43 26.65 0.42 11.04
C VAL A 43 25.37 -0.11 10.41
N LEU A 44 25.01 0.44 9.25
CA LEU A 44 23.81 -0.04 8.56
C LEU A 44 23.93 -1.52 8.24
N GLU A 45 25.10 -1.96 7.78
CA GLU A 45 25.33 -3.36 7.46
C GLU A 45 25.16 -4.24 8.69
N ASN A 46 25.87 -3.92 9.77
CA ASN A 46 25.84 -4.77 10.96
C ASN A 46 24.46 -4.81 11.60
N LYS A 47 23.71 -3.71 11.53
CA LYS A 47 22.36 -3.71 12.09
C LYS A 47 21.34 -4.32 11.15
N GLY A 48 21.68 -4.58 9.90
CA GLY A 48 20.70 -5.05 8.94
C GLY A 48 19.78 -3.97 8.41
N GLY A 49 20.24 -2.70 8.39
CA GLY A 49 19.48 -1.64 7.76
C GLY A 49 19.60 -1.61 6.25
N ILE A 50 20.67 -2.20 5.71
CA ILE A 50 20.79 -2.49 4.28
C ILE A 50 20.93 -4.00 4.14
N VAL A 51 20.24 -4.56 3.14
CA VAL A 51 20.31 -5.99 2.89
C VAL A 51 20.34 -6.23 1.38
N GLU A 52 20.99 -7.32 0.99
CA GLU A 52 21.03 -7.70 -0.40
C GLU A 52 19.83 -8.58 -0.73
N ASP A 53 19.38 -8.48 -1.96
CA ASP A 53 18.28 -9.30 -2.42
C ASP A 53 18.55 -9.67 -3.87
N GLU A 54 17.67 -10.49 -4.44
CA GLU A 54 17.87 -10.96 -5.81
C GLU A 54 16.52 -11.20 -6.45
N PHE A 55 16.45 -10.90 -7.75
CA PHE A 55 15.25 -11.19 -8.53
C PHE A 55 15.70 -11.65 -9.91
N GLU A 56 15.29 -12.87 -10.28
CA GLU A 56 15.62 -13.42 -11.60
C GLU A 56 17.11 -13.31 -11.88
N GLY A 57 17.92 -13.61 -10.86
CA GLY A 57 19.36 -13.59 -10.98
C GLY A 57 20.03 -12.24 -10.78
N MET A 58 19.28 -11.15 -10.68
CA MET A 58 19.87 -9.81 -10.53
C MET A 58 19.92 -9.39 -9.06
N ARG A 59 21.14 -9.11 -8.58
CA ARG A 59 21.34 -8.69 -7.21
C ARG A 59 21.06 -7.20 -7.03
N TYR A 60 20.42 -6.85 -5.92
CA TYR A 60 20.24 -5.44 -5.60
C TYR A 60 20.26 -5.24 -4.09
N LEU A 61 20.45 -3.99 -3.69
CA LEU A 61 20.49 -3.60 -2.30
C LEU A 61 19.18 -2.94 -1.92
N ARG A 62 18.65 -3.30 -0.76
CA ARG A 62 17.40 -2.75 -0.28
C ARG A 62 17.67 -2.05 1.04
N LEU A 63 17.16 -0.82 1.18
CA LEU A 63 17.30 -0.06 2.41
C LEU A 63 16.12 -0.41 3.34
N LYS A 64 16.40 -1.17 4.39
CA LYS A 64 15.38 -1.49 5.38
C LYS A 64 15.14 -0.33 6.34
N ASP A 65 16.11 0.55 6.52
CA ASP A 65 15.95 1.76 7.29
C ASP A 65 16.48 2.94 6.49
N SER A 66 16.18 4.16 6.98
CA SER A 66 16.60 5.36 6.29
C SER A 66 18.11 5.56 6.46
N ALA A 67 18.69 6.34 5.55
CA ALA A 67 20.13 6.64 5.60
C ALA A 67 20.35 7.98 4.91
N ARG A 68 20.44 9.04 5.71
CA ARG A 68 20.56 10.41 5.22
C ARG A 68 19.38 10.64 4.26
N SER A 69 19.63 11.11 3.03
CA SER A 69 18.55 11.38 2.10
C SER A 69 17.96 10.11 1.50
N LEU A 70 18.65 8.97 1.60
CA LEU A 70 18.15 7.72 1.04
C LEU A 70 17.04 7.18 1.93
N ARG A 71 15.80 7.21 1.43
CA ARG A 71 14.63 6.84 2.20
C ARG A 71 14.50 5.31 2.31
N ARG A 72 13.78 4.87 3.33
CA ARG A 72 13.49 3.44 3.47
C ARG A 72 12.75 2.92 2.25
N GLY A 73 13.07 1.70 1.82
CA GLY A 73 12.49 1.14 0.62
C GLY A 73 13.21 1.53 -0.66
N THR A 74 14.23 2.36 -0.56
CA THR A 74 15.11 2.59 -1.70
C THR A 74 15.79 1.29 -2.12
N VAL A 75 15.94 1.08 -3.44
CA VAL A 75 16.69 -0.04 -3.97
C VAL A 75 17.81 0.46 -4.87
N VAL A 76 18.92 -0.28 -4.86
CA VAL A 76 20.14 0.08 -5.56
C VAL A 76 20.62 -1.12 -6.36
N PHE A 77 20.61 -1.01 -7.68
CA PHE A 77 21.18 -2.02 -8.58
C PHE A 77 22.59 -1.67 -9.04
N ASP A 78 22.87 -0.38 -9.22
CA ASP A 78 24.17 0.12 -9.68
C ASP A 78 24.14 1.63 -9.43
N GLU A 79 25.13 2.34 -9.98
CA GLU A 79 25.25 3.77 -9.73
C GLU A 79 24.12 4.57 -10.35
N HIS A 80 23.58 4.12 -11.48
CA HIS A 80 22.49 4.86 -12.12
C HIS A 80 21.11 4.39 -11.64
N ASN A 81 20.91 3.08 -11.53
CA ASN A 81 19.58 2.54 -11.23
C ASN A 81 19.38 2.50 -9.72
N ILE A 82 18.94 3.64 -9.21
CA ILE A 82 18.59 3.82 -7.80
C ILE A 82 17.15 4.31 -7.77
N ILE A 83 16.27 3.54 -7.14
CA ILE A 83 14.85 3.87 -7.06
C ILE A 83 14.56 4.26 -5.63
N LEU A 84 14.28 5.55 -5.42
CA LEU A 84 14.12 6.05 -4.06
C LEU A 84 12.84 5.50 -3.44
N GLY A 85 12.91 5.19 -2.15
CA GLY A 85 11.73 4.75 -1.44
C GLY A 85 10.62 5.79 -1.49
N PHE A 86 9.39 5.31 -1.52
CA PHE A 86 8.24 6.22 -1.56
C PHE A 86 8.08 6.89 -0.21
N PRO A 87 8.00 8.23 -0.15
CA PRO A 87 7.92 8.90 1.16
C PRO A 87 6.61 8.60 1.87
N HIS A 88 6.66 8.72 3.20
CA HIS A 88 5.44 8.73 4.01
C HIS A 88 4.56 9.89 3.58
N ILE A 89 3.24 9.69 3.61
CA ILE A 89 2.28 10.77 3.35
C ILE A 89 1.63 11.11 4.69
N LYS A 90 1.66 12.39 5.05
CA LYS A 90 1.02 12.82 6.28
C LYS A 90 -0.50 12.80 6.11
N ARG A 91 -1.20 12.55 7.21
CA ARG A 91 -2.64 12.59 7.24
C ARG A 91 -3.09 13.68 8.19
N VAL A 92 -4.33 14.13 8.00
CA VAL A 92 -5.03 14.92 9.00
C VAL A 92 -6.27 14.14 9.42
N VAL A 93 -6.76 14.44 10.61
CA VAL A 93 -8.00 13.84 11.10
C VAL A 93 -9.12 14.86 11.22
N GLN A 94 -8.81 16.13 11.05
CA GLN A 94 -9.81 17.20 11.01
C GLN A 94 -9.62 17.86 9.65
N LEU A 95 -10.57 17.67 8.75
CA LEU A 95 -10.36 18.03 7.36
C LEU A 95 -10.26 19.55 7.17
N GLU A 96 -11.24 20.30 7.70
CA GLU A 96 -11.24 21.73 7.47
C GLU A 96 -10.00 22.40 8.07
N ASN A 97 -9.67 22.12 9.34
CA ASN A 97 -8.50 22.76 9.91
C ASN A 97 -7.21 22.15 9.38
N GLY A 98 -7.25 20.90 8.93
CA GLY A 98 -6.09 20.33 8.27
C GLY A 98 -5.76 21.07 6.98
N ILE A 99 -6.80 21.45 6.24
CA ILE A 99 -6.60 22.17 4.99
C ILE A 99 -6.08 23.57 5.27
N ARG A 100 -6.67 24.26 6.25
CA ARG A 100 -6.21 25.59 6.60
C ARG A 100 -4.74 25.59 7.01
N ARG A 101 -4.33 24.61 7.81
CA ARG A 101 -2.94 24.56 8.25
C ARG A 101 -2.00 24.17 7.10
N ALA A 102 -2.38 23.20 6.25
CA ALA A 102 -1.46 22.77 5.20
C ALA A 102 -1.46 23.72 4.01
N PHE A 103 -2.62 24.19 3.59
CA PHE A 103 -2.72 24.91 2.33
C PHE A 103 -3.14 26.36 2.47
N LYS A 104 -3.55 26.81 3.65
CA LYS A 104 -4.12 28.15 3.84
C LYS A 104 -5.28 28.27 2.85
N ARG A 105 -5.33 29.30 2.01
CA ARG A 105 -6.40 29.48 1.04
C ARG A 105 -5.93 29.30 -0.39
N LYS A 106 -4.74 28.75 -0.61
CA LYS A 106 -4.28 28.44 -1.96
C LYS A 106 -4.97 27.20 -2.53
N PRO A 107 -5.04 27.08 -3.85
CA PRO A 107 -5.67 25.90 -4.45
C PRO A 107 -4.81 24.66 -4.31
N PHE A 108 -5.48 23.51 -4.29
CA PHE A 108 -4.78 22.23 -4.27
C PHE A 108 -5.60 21.23 -5.06
N TYR A 109 -4.92 20.23 -5.61
CA TYR A 109 -5.61 19.15 -6.30
C TYR A 109 -6.17 18.15 -5.28
N VAL A 110 -7.30 17.56 -5.63
CA VAL A 110 -7.95 16.54 -4.80
C VAL A 110 -8.09 15.27 -5.64
N GLU A 111 -7.39 14.22 -5.20
CA GLU A 111 -7.36 12.92 -5.85
C GLU A 111 -8.03 11.88 -4.96
N GLU A 112 -8.51 10.80 -5.57
CA GLU A 112 -9.00 9.68 -4.80
C GLU A 112 -7.85 8.93 -4.15
N ALA A 113 -8.00 8.64 -2.86
CA ALA A 113 -7.17 7.66 -2.17
C ALA A 113 -7.70 6.26 -2.50
N VAL A 114 -6.89 5.47 -3.18
CA VAL A 114 -7.27 4.14 -3.64
C VAL A 114 -6.69 3.12 -2.67
N ASP A 115 -7.53 2.20 -2.18
CA ASP A 115 -7.16 1.21 -1.15
C ASP A 115 -6.57 -0.03 -1.84
N GLY A 116 -5.24 -0.05 -1.97
CA GLY A 116 -4.55 -1.17 -2.59
C GLY A 116 -3.18 -1.31 -2.00
N TYR A 117 -2.19 -1.60 -2.84
CA TYR A 117 -0.81 -1.55 -2.37
C TYR A 117 0.02 -0.71 -3.33
N ASN A 118 0.99 -0.04 -2.74
CA ASN A 118 1.87 0.89 -3.43
C ASN A 118 2.85 0.14 -4.32
N VAL A 119 3.05 0.61 -5.57
CA VAL A 119 4.09 0.07 -6.43
C VAL A 119 4.89 1.21 -7.07
N ARG A 120 6.18 0.93 -7.29
CA ARG A 120 7.04 1.74 -8.15
C ARG A 120 7.43 0.91 -9.36
N VAL A 121 7.24 1.47 -10.56
CA VAL A 121 7.53 0.79 -11.82
C VAL A 121 8.70 1.49 -12.50
N ALA A 122 9.76 0.73 -12.80
CA ALA A 122 10.96 1.32 -13.38
C ALA A 122 11.60 0.37 -14.39
N LYS A 123 12.25 0.97 -15.38
CA LYS A 123 13.07 0.20 -16.30
C LYS A 123 14.44 0.01 -15.65
N ILE A 124 14.86 -1.25 -15.52
CA ILE A 124 16.17 -1.61 -14.95
C ILE A 124 16.85 -2.50 -15.99
N GLY A 125 17.89 -1.97 -16.62
CA GLY A 125 18.48 -2.68 -17.74
C GLY A 125 17.46 -2.80 -18.85
N GLU A 126 17.26 -4.01 -19.34
CA GLU A 126 16.23 -4.29 -20.34
C GLU A 126 14.97 -4.88 -19.75
N LYS A 127 14.77 -4.72 -18.44
CA LYS A 127 13.62 -5.27 -17.75
C LYS A 127 12.82 -4.14 -17.11
N ILE A 128 11.51 -4.32 -17.10
CA ILE A 128 10.60 -3.49 -16.33
C ILE A 128 10.32 -4.21 -15.02
N LEU A 129 10.69 -3.61 -13.90
CA LEU A 129 10.51 -4.22 -12.60
C LEU A 129 9.52 -3.41 -11.77
N VAL A 130 8.76 -4.11 -10.92
CA VAL A 130 7.75 -3.47 -10.08
C VAL A 130 8.12 -3.72 -8.61
N PHE A 131 8.35 -2.64 -7.87
CA PHE A 131 8.78 -2.72 -6.47
C PHE A 131 7.63 -2.36 -5.54
N THR A 132 7.41 -3.19 -4.53
CA THR A 132 6.50 -2.83 -3.46
C THR A 132 7.20 -1.95 -2.43
N ARG A 133 6.44 -1.56 -1.42
CA ARG A 133 6.84 -0.49 -0.52
C ARG A 133 8.19 -0.73 0.14
N GLY A 134 8.44 -1.95 0.59
CA GLY A 134 9.72 -2.18 1.23
C GLY A 134 10.92 -2.29 0.30
N GLY A 135 10.70 -2.22 -1.00
CA GLY A 135 11.78 -2.41 -1.95
C GLY A 135 11.93 -3.82 -2.48
N PHE A 136 10.88 -4.64 -2.39
CA PHE A 136 10.91 -5.97 -2.95
C PHE A 136 10.40 -5.90 -4.38
N VAL A 137 11.05 -6.65 -5.27
CA VAL A 137 10.46 -6.88 -6.59
C VAL A 137 9.29 -7.84 -6.41
N CYS A 138 8.10 -7.40 -6.81
CA CYS A 138 6.92 -8.25 -6.70
C CYS A 138 6.79 -9.13 -7.94
N PRO A 139 6.89 -10.45 -7.83
CA PRO A 139 6.82 -11.27 -9.06
C PRO A 139 5.45 -11.24 -9.72
N PHE A 140 4.38 -11.09 -8.94
CA PHE A 140 3.06 -11.03 -9.56
C PHE A 140 2.91 -9.73 -10.34
N THR A 141 3.17 -8.60 -9.69
CA THR A 141 2.90 -7.34 -10.36
C THR A 141 3.85 -7.11 -11.51
N THR A 142 5.08 -7.62 -11.41
CA THR A 142 6.02 -7.50 -12.54
C THR A 142 5.53 -8.27 -13.77
N GLU A 143 4.93 -9.46 -13.57
CA GLU A 143 4.37 -10.20 -14.71
C GLU A 143 3.17 -9.48 -15.32
N ARG A 144 2.30 -8.94 -14.47
CA ARG A 144 1.03 -8.37 -14.91
C ARG A 144 1.12 -6.92 -15.39
N ILE A 145 2.21 -6.20 -15.13
CA ILE A 145 2.17 -4.74 -15.29
C ILE A 145 1.95 -4.34 -16.74
N GLU A 146 2.37 -5.18 -17.69
CA GLU A 146 2.11 -4.91 -19.10
C GLU A 146 0.62 -4.87 -19.43
N ASP A 147 -0.23 -5.48 -18.61
CA ASP A 147 -1.67 -5.38 -18.84
C ASP A 147 -2.22 -3.99 -18.60
N PHE A 148 -1.47 -3.10 -17.95
CA PHE A 148 -2.02 -1.82 -17.54
C PHE A 148 -1.23 -0.62 -18.04
N ILE A 149 0.06 -0.77 -18.28
CA ILE A 149 0.93 0.33 -18.63
C ILE A 149 1.64 -0.01 -19.93
N THR A 150 1.55 0.87 -20.91
CA THR A 150 2.29 0.68 -22.15
C THR A 150 3.79 0.79 -21.87
N LEU A 151 4.56 -0.13 -22.43
CA LEU A 151 6.02 -0.04 -22.31
C LEU A 151 6.56 1.19 -23.03
N ASP A 152 5.75 1.83 -23.88
CA ASP A 152 6.22 3.01 -24.62
C ASP A 152 6.72 4.09 -23.67
N PHE A 153 6.11 4.21 -22.49
CA PHE A 153 6.53 5.26 -21.57
C PHE A 153 8.00 5.13 -21.25
N PHE A 154 8.49 3.89 -21.08
CA PHE A 154 9.86 3.69 -20.65
C PHE A 154 10.83 3.74 -21.81
N LYS A 155 10.37 3.53 -23.05
CA LYS A 155 11.21 3.85 -24.19
C LYS A 155 11.49 5.35 -24.26
N ASP A 156 10.50 6.17 -23.92
CA ASP A 156 10.70 7.62 -24.01
C ASP A 156 11.28 8.22 -22.73
N TYR A 157 10.96 7.67 -21.56
CA TYR A 157 11.42 8.23 -20.28
C TYR A 157 12.08 7.14 -19.44
N PRO A 158 13.24 6.62 -19.87
CA PRO A 158 13.83 5.48 -19.16
C PRO A 158 14.30 5.79 -17.74
N ASN A 159 14.47 7.07 -17.38
CA ASN A 159 14.91 7.45 -16.04
C ASN A 159 13.78 7.99 -15.17
N MET A 160 12.53 7.78 -15.55
CA MET A 160 11.37 8.11 -14.73
C MET A 160 10.76 6.85 -14.12
N VAL A 161 10.12 7.02 -12.97
CA VAL A 161 9.52 5.92 -12.20
C VAL A 161 8.04 6.22 -12.06
N LEU A 162 7.20 5.26 -12.47
CA LEU A 162 5.76 5.41 -12.30
C LEU A 162 5.37 4.91 -10.91
N CYS A 163 4.62 5.71 -10.18
CA CYS A 163 4.19 5.38 -8.83
C CYS A 163 2.67 5.30 -8.82
N GLY A 164 2.15 4.20 -8.29
CA GLY A 164 0.71 4.07 -8.27
C GLY A 164 0.26 2.97 -7.34
N GLU A 165 -1.04 2.75 -7.35
CA GLU A 165 -1.69 1.80 -6.47
C GLU A 165 -2.20 0.62 -7.30
N MET A 166 -1.90 -0.58 -6.85
CA MET A 166 -2.50 -1.79 -7.39
C MET A 166 -3.72 -2.12 -6.53
N ALA A 167 -4.90 -2.17 -7.14
CA ALA A 167 -6.11 -2.34 -6.34
C ALA A 167 -7.19 -3.09 -7.10
N GLY A 168 -7.96 -3.89 -6.36
CA GLY A 168 -9.06 -4.63 -6.91
C GLY A 168 -9.39 -5.84 -6.06
N PRO A 169 -10.35 -6.64 -6.50
CA PRO A 169 -10.81 -7.76 -5.66
C PRO A 169 -9.92 -8.98 -5.71
N GLU A 170 -8.98 -9.07 -6.65
CA GLU A 170 -8.11 -10.23 -6.77
C GLU A 170 -6.68 -9.77 -6.57
N SER A 171 -6.37 -9.38 -5.34
CA SER A 171 -5.08 -8.78 -4.98
C SER A 171 -4.25 -9.77 -4.18
N PRO A 172 -2.94 -9.81 -4.40
CA PRO A 172 -2.09 -10.71 -3.60
C PRO A 172 -1.87 -10.21 -2.19
N TYR A 173 -2.15 -8.95 -1.88
CA TYR A 173 -1.75 -8.39 -0.60
C TYR A 173 -2.89 -7.83 0.24
N LEU A 174 -4.07 -7.62 -0.33
CA LEU A 174 -5.19 -7.07 0.41
C LEU A 174 -6.43 -7.91 0.14
N VAL A 175 -7.36 -7.91 1.10
CA VAL A 175 -8.62 -8.63 0.94
C VAL A 175 -9.78 -7.68 0.67
N GLU A 176 -9.54 -6.39 0.57
CA GLU A 176 -10.57 -5.41 0.19
C GLU A 176 -10.08 -4.62 -1.02
N GLY A 177 -10.94 -3.77 -1.56
CA GLY A 177 -10.60 -2.96 -2.71
C GLY A 177 -11.72 -2.03 -3.14
N PRO A 178 -11.45 -1.16 -4.10
CA PRO A 178 -12.47 -0.20 -4.55
C PRO A 178 -13.61 -0.91 -5.26
N PRO A 179 -14.85 -0.43 -5.10
CA PRO A 179 -16.00 -1.21 -5.55
C PRO A 179 -16.17 -1.22 -7.05
N TYR A 180 -15.66 -0.21 -7.76
CA TYR A 180 -15.86 -0.13 -9.20
C TYR A 180 -14.90 -1.03 -9.97
N VAL A 181 -13.92 -1.65 -9.31
CA VAL A 181 -13.09 -2.67 -9.95
C VAL A 181 -13.79 -4.00 -9.71
N LYS A 182 -14.53 -4.48 -10.71
CA LYS A 182 -15.40 -5.64 -10.52
C LYS A 182 -14.65 -6.96 -10.53
N GLU A 183 -13.47 -7.02 -11.15
CA GLU A 183 -12.70 -8.27 -11.16
C GLU A 183 -11.23 -7.96 -11.38
N ASP A 184 -10.41 -8.99 -11.19
CA ASP A 184 -8.96 -8.96 -11.44
C ASP A 184 -8.36 -7.83 -10.59
N ILE A 185 -7.59 -6.91 -11.18
CA ILE A 185 -6.90 -5.88 -10.43
C ILE A 185 -6.50 -4.80 -11.41
N GLN A 186 -6.26 -3.59 -10.91
CA GLN A 186 -5.96 -2.46 -11.80
C GLN A 186 -4.88 -1.59 -11.19
N PHE A 187 -4.16 -0.89 -12.05
CA PHE A 187 -3.15 0.07 -11.63
C PHE A 187 -3.76 1.46 -11.67
N PHE A 188 -3.40 2.30 -10.69
CA PHE A 188 -3.86 3.69 -10.60
C PHE A 188 -2.64 4.59 -10.35
N LEU A 189 -2.19 5.29 -11.37
CA LEU A 189 -1.05 6.20 -11.24
C LEU A 189 -1.35 7.35 -10.30
N PHE A 190 -0.42 7.65 -9.38
CA PHE A 190 -0.54 8.86 -8.59
C PHE A 190 0.72 9.71 -8.48
N ASP A 191 1.84 9.32 -9.09
CA ASP A 191 3.04 10.15 -9.08
C ASP A 191 3.97 9.65 -10.18
N ILE A 192 4.85 10.54 -10.66
CA ILE A 192 5.94 10.17 -11.55
C ILE A 192 7.21 10.80 -10.99
N GLN A 193 8.23 9.99 -10.75
CA GLN A 193 9.40 10.46 -10.04
C GLN A 193 10.66 10.15 -10.83
N GLU A 194 11.70 10.95 -10.58
CA GLU A 194 12.99 10.73 -11.22
C GLU A 194 13.73 9.62 -10.50
N LYS A 195 14.39 8.75 -11.28
CA LYS A 195 15.39 7.88 -10.72
C LYS A 195 16.39 8.68 -9.89
N LYS A 196 16.91 8.05 -8.84
CA LYS A 196 18.03 8.53 -8.04
C LYS A 196 17.65 9.72 -7.15
N THR A 197 17.01 10.75 -7.70
CA THR A 197 16.64 11.89 -6.87
C THR A 197 15.28 11.75 -6.19
N GLY A 198 14.35 10.97 -6.75
CA GLY A 198 13.04 10.88 -6.15
C GLY A 198 12.12 12.06 -6.43
N ARG A 199 12.56 13.03 -7.23
CA ARG A 199 11.77 14.24 -7.46
C ARG A 199 10.51 13.94 -8.25
N SER A 200 9.40 14.55 -7.82
CA SER A 200 8.09 14.37 -8.42
C SER A 200 7.83 15.42 -9.49
N LEU A 201 7.23 14.99 -10.59
CA LEU A 201 6.72 15.92 -11.57
C LEU A 201 5.55 16.72 -10.97
N PRO A 202 5.40 17.98 -11.35
CA PRO A 202 4.21 18.74 -10.93
C PRO A 202 2.96 18.01 -11.39
N VAL A 203 1.85 18.23 -10.67
CA VAL A 203 0.62 17.51 -10.96
C VAL A 203 0.25 17.62 -12.44
N GLU A 204 0.30 18.85 -12.98
CA GLU A 204 -0.17 19.08 -14.35
C GLU A 204 0.66 18.31 -15.37
N GLU A 205 1.99 18.33 -15.23
CA GLU A 205 2.82 17.60 -16.17
C GLU A 205 2.59 16.09 -16.05
N ARG A 206 2.42 15.60 -14.82
CA ARG A 206 2.11 14.18 -14.63
C ARG A 206 0.81 13.81 -15.31
N LEU A 207 -0.22 14.64 -15.15
CA LEU A 207 -1.50 14.31 -15.77
C LEU A 207 -1.41 14.39 -17.29
N LYS A 208 -0.57 15.29 -17.82
CA LYS A 208 -0.38 15.36 -19.27
C LYS A 208 0.31 14.11 -19.80
N LEU A 209 1.31 13.61 -19.07
CA LEU A 209 1.98 12.37 -19.46
C LEU A 209 1.04 11.18 -19.38
N ALA A 210 0.22 11.09 -18.33
CA ALA A 210 -0.68 9.96 -18.22
C ALA A 210 -1.65 9.93 -19.39
N GLU A 211 -2.06 11.10 -19.87
CA GLU A 211 -2.96 11.14 -21.03
C GLU A 211 -2.20 10.79 -22.30
N GLU A 212 -1.00 11.34 -22.48
CA GLU A 212 -0.20 11.01 -23.65
C GLU A 212 0.01 9.50 -23.79
N TYR A 213 0.31 8.82 -22.69
CA TYR A 213 0.63 7.40 -22.72
C TYR A 213 -0.53 6.50 -22.32
N GLY A 214 -1.70 7.06 -22.07
CA GLY A 214 -2.83 6.24 -21.67
C GLY A 214 -2.62 5.48 -20.37
N ILE A 215 -1.84 6.02 -19.45
CA ILE A 215 -1.62 5.37 -18.15
C ILE A 215 -2.84 5.62 -17.27
N PRO A 216 -3.50 4.58 -16.77
CA PRO A 216 -4.67 4.81 -15.91
C PRO A 216 -4.25 5.53 -14.63
N SER A 217 -5.12 6.43 -14.19
CA SER A 217 -4.82 7.39 -13.14
C SER A 217 -5.84 7.25 -12.02
N VAL A 218 -5.42 7.58 -10.79
CA VAL A 218 -6.39 7.81 -9.72
C VAL A 218 -7.36 8.87 -10.22
N GLU A 219 -8.61 8.82 -9.77
CA GLU A 219 -9.55 9.86 -10.18
C GLU A 219 -9.10 11.20 -9.64
N VAL A 220 -9.08 12.20 -10.49
CA VAL A 220 -8.80 13.56 -10.09
C VAL A 220 -10.15 14.26 -9.98
N PHE A 221 -10.55 14.58 -8.76
CA PHE A 221 -11.86 15.21 -8.57
C PHE A 221 -11.85 16.67 -8.97
N GLY A 222 -10.71 17.31 -8.96
CA GLY A 222 -10.65 18.69 -9.40
C GLY A 222 -9.73 19.51 -8.52
N LEU A 223 -9.81 20.81 -8.71
CA LEU A 223 -9.03 21.80 -7.98
C LEU A 223 -9.92 22.46 -6.93
N TYR A 224 -9.48 22.43 -5.67
CA TYR A 224 -10.27 22.92 -4.56
C TYR A 224 -9.45 23.91 -3.74
N ASP A 225 -10.12 24.56 -2.79
CA ASP A 225 -9.45 25.39 -1.79
C ASP A 225 -10.29 25.38 -0.51
N LEU A 226 -9.75 26.02 0.53
CA LEU A 226 -10.42 26.05 1.83
C LEU A 226 -11.87 26.52 1.70
N SER A 227 -12.11 27.55 0.89
CA SER A 227 -13.46 28.09 0.75
C SER A 227 -14.46 27.06 0.27
N ARG A 228 -14.01 25.95 -0.32
CA ARG A 228 -14.91 24.95 -0.87
C ARG A 228 -15.08 23.74 0.07
N ILE A 229 -14.83 23.93 1.36
CA ILE A 229 -14.84 22.83 2.33
C ILE A 229 -16.19 22.11 2.30
N ASP A 230 -17.30 22.84 2.12
CA ASP A 230 -18.61 22.20 2.13
C ASP A 230 -18.73 21.17 1.02
N GLU A 231 -18.19 21.49 -0.17
CA GLU A 231 -18.20 20.53 -1.27
C GLU A 231 -17.31 19.34 -0.98
N LEU A 232 -16.20 19.55 -0.25
CA LEU A 232 -15.34 18.42 0.06
C LEU A 232 -16.00 17.47 1.06
N HIS A 233 -16.74 18.03 2.03
CA HIS A 233 -17.51 17.20 2.95
C HIS A 233 -18.55 16.39 2.21
N ALA A 234 -19.26 17.04 1.27
CA ALA A 234 -20.20 16.32 0.41
C ALA A 234 -19.48 15.23 -0.37
N LEU A 235 -18.29 15.53 -0.90
CA LEU A 235 -17.51 14.50 -1.58
C LEU A 235 -17.20 13.33 -0.65
N ILE A 236 -16.76 13.64 0.58
CA ILE A 236 -16.44 12.59 1.54
C ILE A 236 -17.67 11.73 1.82
N ASP A 237 -18.85 12.35 1.93
CA ASP A 237 -20.05 11.57 2.21
C ASP A 237 -20.40 10.62 1.07
N ARG A 238 -20.20 11.09 -0.17
CA ARG A 238 -20.43 10.22 -1.33
C ARG A 238 -19.42 9.08 -1.37
N LEU A 239 -18.13 9.39 -1.15
CA LEU A 239 -17.12 8.34 -1.13
C LEU A 239 -17.43 7.30 -0.06
N THR A 240 -17.93 7.77 1.09
CA THR A 240 -18.30 6.86 2.17
C THR A 240 -19.42 5.93 1.74
N LYS A 241 -20.50 6.48 1.20
CA LYS A 241 -21.61 5.65 0.76
C LYS A 241 -21.18 4.67 -0.32
N GLU A 242 -20.18 5.03 -1.11
CA GLU A 242 -19.70 4.19 -2.20
C GLU A 242 -18.59 3.25 -1.78
N LYS A 243 -18.25 3.21 -0.49
CA LYS A 243 -17.25 2.28 0.04
C LYS A 243 -15.86 2.56 -0.53
N ARG A 244 -15.52 3.83 -0.64
CA ARG A 244 -14.24 4.26 -1.17
C ARG A 244 -13.40 4.85 -0.05
N GLU A 245 -12.09 4.96 -0.28
CA GLU A 245 -11.20 5.16 0.86
C GLU A 245 -11.12 6.61 1.33
N GLY A 246 -11.10 7.57 0.42
CA GLY A 246 -10.95 8.97 0.80
C GLY A 246 -10.23 9.76 -0.28
N ILE A 247 -9.47 10.78 0.15
CA ILE A 247 -8.87 11.71 -0.78
C ILE A 247 -7.42 11.95 -0.40
N VAL A 248 -6.65 12.42 -1.37
CA VAL A 248 -5.30 12.91 -1.14
C VAL A 248 -5.20 14.29 -1.75
N MET A 249 -4.69 15.24 -0.98
CA MET A 249 -4.67 16.65 -1.37
C MET A 249 -3.23 17.03 -1.69
N LYS A 250 -3.02 17.61 -2.87
CA LYS A 250 -1.67 17.89 -3.36
C LYS A 250 -1.57 19.31 -3.89
N SER A 251 -0.57 20.04 -3.41
CA SER A 251 -0.27 21.32 -4.04
C SER A 251 0.18 21.07 -5.47
N PRO A 252 0.00 22.06 -6.36
CA PRO A 252 0.34 21.83 -7.78
C PRO A 252 1.80 21.48 -8.01
N ASP A 253 2.70 21.92 -7.15
CA ASP A 253 4.11 21.58 -7.29
C ASP A 253 4.47 20.29 -6.55
N MET A 254 3.49 19.58 -5.99
CA MET A 254 3.68 18.27 -5.38
C MET A 254 4.50 18.33 -4.09
N LYS A 255 4.76 19.52 -3.56
CA LYS A 255 5.54 19.67 -2.32
C LYS A 255 4.70 19.51 -1.06
N LYS A 256 3.41 19.80 -1.09
CA LYS A 256 2.53 19.65 0.07
C LYS A 256 1.49 18.59 -0.25
N ILE A 257 1.50 17.48 0.50
CA ILE A 257 0.63 16.34 0.25
C ILE A 257 0.03 15.88 1.58
N VAL A 258 -1.30 15.75 1.63
CA VAL A 258 -2.02 15.36 2.85
C VAL A 258 -3.16 14.41 2.48
N LYS A 259 -3.30 13.32 3.23
N LYS A 259 -3.30 13.34 3.26
CA LYS A 259 -4.38 12.38 2.98
CA LYS A 259 -4.33 12.33 3.05
C LYS A 259 -5.44 12.48 4.08
C LYS A 259 -5.44 12.47 4.10
N TYR A 260 -6.66 12.07 3.72
CA TYR A 260 -7.78 12.09 4.65
C TYR A 260 -8.74 10.97 4.23
N VAL A 261 -9.06 10.06 5.15
CA VAL A 261 -9.82 8.87 4.79
C VAL A 261 -11.22 8.92 5.38
N THR A 262 -12.14 8.19 4.72
CA THR A 262 -13.54 8.15 5.09
C THR A 262 -13.79 7.32 6.35
N PRO A 263 -14.92 7.54 7.02
CA PRO A 263 -15.29 6.61 8.10
C PRO A 263 -15.48 5.18 7.63
N TYR A 264 -15.96 4.98 6.39
CA TYR A 264 -16.03 3.61 5.86
C TYR A 264 -14.66 2.94 5.90
N ALA A 265 -13.62 3.65 5.46
CA ALA A 265 -12.29 3.03 5.43
C ALA A 265 -11.82 2.67 6.84
N ASN A 266 -12.10 3.53 7.82
CA ASN A 266 -11.63 3.23 9.18
C ASN A 266 -12.40 2.06 9.78
N ILE A 267 -13.71 1.99 9.50
CA ILE A 267 -14.53 0.92 10.05
C ILE A 267 -14.20 -0.41 9.38
N ASN A 268 -14.10 -0.41 8.03
CA ASN A 268 -13.82 -1.67 7.35
C ASN A 268 -12.42 -2.19 7.66
N ASP A 269 -11.44 -1.29 7.82
CA ASP A 269 -10.10 -1.71 8.22
C ASP A 269 -10.15 -2.48 9.54
N ILE A 270 -10.93 -1.96 10.50
CA ILE A 270 -11.03 -2.65 11.79
C ILE A 270 -11.67 -4.02 11.61
N LYS A 271 -12.74 -4.10 10.83
CA LYS A 271 -13.42 -5.37 10.57
C LYS A 271 -12.43 -6.42 10.06
N ILE A 272 -11.59 -6.04 9.09
CA ILE A 272 -10.63 -6.95 8.52
C ILE A 272 -9.58 -7.35 9.56
N GLY A 273 -9.00 -6.36 10.24
CA GLY A 273 -7.97 -6.65 11.22
C GLY A 273 -8.45 -7.43 12.43
N ALA A 274 -9.71 -7.22 12.83
CA ALA A 274 -10.23 -7.86 14.04
C ALA A 274 -10.29 -9.39 13.95
N ARG A 275 -10.34 -9.96 12.74
CA ARG A 275 -10.30 -11.43 12.61
C ARG A 275 -9.00 -12.00 13.14
N ILE A 276 -7.95 -11.22 13.09
CA ILE A 276 -6.62 -11.65 13.49
C ILE A 276 -6.27 -11.10 14.86
N PHE A 277 -6.54 -9.80 15.06
CA PHE A 277 -6.36 -9.04 16.30
C PHE A 277 -4.92 -8.97 16.78
N PHE A 278 -4.29 -10.12 17.01
CA PHE A 278 -2.93 -10.15 17.52
C PHE A 278 -1.93 -9.95 16.38
N ASP A 279 -0.74 -9.48 16.75
CA ASP A 279 0.40 -9.37 15.84
C ASP A 279 0.22 -8.33 14.74
N LEU A 280 -0.68 -7.36 14.93
CA LEU A 280 -0.86 -6.28 13.97
C LEU A 280 0.03 -5.09 14.34
N PRO A 281 0.27 -4.18 13.40
CA PRO A 281 1.09 -2.98 13.72
C PRO A 281 0.56 -2.25 14.95
N HIS A 282 1.49 -1.68 15.71
CA HIS A 282 1.14 -0.96 16.92
C HIS A 282 0.16 0.17 16.60
N GLY A 283 -0.93 0.24 17.36
CA GLY A 283 -1.90 1.28 17.15
C GLY A 283 -2.87 1.07 16.01
N TYR A 284 -2.86 -0.10 15.36
CA TYR A 284 -3.74 -0.32 14.22
C TYR A 284 -5.20 0.04 14.53
N PHE A 285 -5.73 -0.46 15.65
CA PHE A 285 -7.14 -0.22 15.95
C PHE A 285 -7.36 1.17 16.54
N MET A 286 -6.52 1.56 17.52
CA MET A 286 -6.62 2.86 18.18
C MET A 286 -6.58 4.02 17.21
N GLN A 287 -5.68 3.98 16.23
CA GLN A 287 -5.58 5.07 15.28
C GLN A 287 -6.88 5.26 14.52
N ARG A 288 -7.57 4.16 14.23
CA ARG A 288 -8.76 4.22 13.40
C ARG A 288 -9.97 4.65 14.22
N ILE A 289 -10.01 4.27 15.49
CA ILE A 289 -11.03 4.75 16.42
C ILE A 289 -10.89 6.25 16.60
N LYS A 290 -9.65 6.72 16.78
CA LYS A 290 -9.37 8.14 16.83
C LYS A 290 -9.86 8.87 15.58
N ARG A 291 -9.59 8.32 14.38
CA ARG A 291 -10.03 8.98 13.16
C ARG A 291 -11.56 9.04 13.09
N LEU A 292 -12.23 7.97 13.54
CA LEU A 292 -13.69 7.98 13.56
C LEU A 292 -14.21 9.06 14.51
N ALA A 293 -13.65 9.11 15.73
CA ALA A 293 -14.09 10.11 16.70
C ALA A 293 -13.97 11.53 16.15
N PHE A 294 -12.86 11.82 15.48
CA PHE A 294 -12.68 13.18 14.97
C PHE A 294 -13.62 13.48 13.82
N TYR A 295 -13.97 12.49 13.00
CA TYR A 295 -14.96 12.70 11.94
C TYR A 295 -16.32 13.04 12.55
N LEU A 296 -16.73 12.27 13.56
CA LEU A 296 -18.02 12.52 14.19
C LEU A 296 -18.05 13.88 14.88
N ALA A 297 -16.96 14.24 15.55
CA ALA A 297 -16.87 15.56 16.15
C ALA A 297 -16.97 16.66 15.09
N GLU A 298 -16.13 16.56 14.05
CA GLU A 298 -16.06 17.65 13.07
C GLU A 298 -17.39 17.78 12.34
N ARG A 299 -18.02 16.67 12.00
CA ARG A 299 -19.28 16.75 11.27
C ARG A 299 -20.48 16.96 12.20
N LYS A 300 -20.26 17.05 13.51
CA LYS A 300 -21.34 17.31 14.48
C LYS A 300 -22.42 16.24 14.41
N ILE A 301 -21.99 15.00 14.24
CA ILE A 301 -22.94 13.90 14.07
C ILE A 301 -23.47 13.49 15.43
N ARG A 302 -24.79 13.40 15.55
CA ARG A 302 -25.43 13.24 16.84
C ARG A 302 -26.73 12.45 16.64
N GLY A 303 -27.27 11.94 17.74
CA GLY A 303 -28.53 11.24 17.69
C GLY A 303 -28.41 9.86 17.07
N GLU A 304 -29.47 9.46 16.36
CA GLU A 304 -29.51 8.13 15.75
C GLU A 304 -28.34 7.91 14.80
N GLU A 305 -27.99 8.92 14.01
CA GLU A 305 -26.86 8.76 13.11
C GLU A 305 -25.58 8.44 13.87
N PHE A 306 -25.41 9.06 15.05
CA PHE A 306 -24.27 8.71 15.91
C PHE A 306 -24.37 7.28 16.40
N ASP A 307 -25.55 6.86 16.87
CA ASP A 307 -25.71 5.50 17.37
C ASP A 307 -25.37 4.46 16.32
N GLU A 308 -25.69 4.73 15.05
CA GLU A 308 -25.39 3.77 14.00
C GLU A 308 -23.87 3.57 13.83
N TYR A 309 -23.07 4.64 13.99
CA TYR A 309 -21.61 4.48 13.93
C TYR A 309 -21.10 3.71 15.15
N ALA A 310 -21.67 3.98 16.32
CA ALA A 310 -21.24 3.31 17.55
C ALA A 310 -21.55 1.83 17.49
N ARG A 311 -22.75 1.49 17.00
CA ARG A 311 -23.08 0.08 16.83
C ARG A 311 -22.17 -0.56 15.79
N ALA A 312 -21.90 0.14 14.69
CA ALA A 312 -21.03 -0.44 13.68
C ALA A 312 -19.62 -0.68 14.25
N LEU A 313 -19.10 0.26 15.02
CA LEU A 313 -17.75 0.10 15.58
C LEU A 313 -17.70 -1.07 16.57
N GLY A 314 -18.71 -1.19 17.44
CA GLY A 314 -18.75 -2.32 18.34
C GLY A 314 -18.80 -3.65 17.59
N LYS A 315 -19.58 -3.71 16.51
CA LYS A 315 -19.71 -4.94 15.74
C LYS A 315 -18.41 -5.32 15.02
N VAL A 316 -17.73 -4.36 14.39
CA VAL A 316 -16.52 -4.73 13.64
C VAL A 316 -15.36 -5.08 14.58
N LEU A 317 -15.40 -4.62 15.84
CA LEU A 317 -14.35 -4.97 16.79
C LEU A 317 -14.58 -6.37 17.36
N LEU A 318 -15.82 -6.71 17.68
CA LEU A 318 -16.14 -7.92 18.43
C LEU A 318 -16.51 -9.12 17.57
N GLU A 319 -17.37 -8.94 16.56
CA GLU A 319 -17.85 -10.09 15.79
C GLU A 319 -16.75 -10.87 15.08
N PRO A 320 -15.85 -10.27 14.31
CA PRO A 320 -14.79 -11.08 13.68
C PRO A 320 -13.88 -11.73 14.71
N PHE A 321 -13.65 -11.02 15.81
CA PHE A 321 -12.76 -11.51 16.87
C PHE A 321 -13.37 -12.73 17.55
N VAL A 322 -14.63 -12.61 18.01
CA VAL A 322 -15.29 -13.73 18.64
C VAL A 322 -15.40 -14.91 17.67
N GLU A 323 -15.68 -14.63 16.40
CA GLU A 323 -15.78 -15.72 15.43
C GLU A 323 -14.46 -16.49 15.31
N SER A 324 -13.33 -15.77 15.29
CA SER A 324 -12.05 -16.47 15.24
C SER A 324 -11.79 -17.27 16.51
N ILE A 325 -12.17 -16.73 17.67
CA ILE A 325 -12.00 -17.47 18.91
C ILE A 325 -12.74 -18.81 18.83
N TRP A 326 -14.03 -18.76 18.46
CA TRP A 326 -14.79 -20.01 18.30
C TRP A 326 -14.13 -20.92 17.27
N ASP A 327 -13.55 -20.33 16.22
CA ASP A 327 -12.89 -21.12 15.21
C ASP A 327 -11.71 -21.91 15.79
N ILE A 328 -10.83 -21.24 16.55
CA ILE A 328 -9.61 -21.91 17.01
C ILE A 328 -9.85 -22.78 18.23
N SER A 329 -10.99 -22.65 18.89
CA SER A 329 -11.23 -23.38 20.13
C SER A 329 -11.44 -24.86 19.88
N SER A 330 -11.65 -25.27 18.63
CA SER A 330 -11.81 -26.67 18.27
C SER A 330 -10.99 -26.96 17.03
N GLY A 331 -9.99 -27.83 17.16
CA GLY A 331 -9.21 -28.31 16.03
C GLY A 331 -7.77 -27.88 16.11
N ASP A 332 -7.06 -28.13 15.00
CA ASP A 332 -5.69 -27.68 14.82
C ASP A 332 -5.56 -26.66 13.71
N ASP A 333 -6.66 -26.33 13.03
CA ASP A 333 -6.62 -25.35 11.95
C ASP A 333 -6.31 -23.97 12.52
N GLU A 334 -5.54 -23.19 11.76
CA GLU A 334 -5.18 -21.85 12.16
C GLU A 334 -6.08 -20.82 11.47
N ILE A 335 -6.04 -19.59 12.01
CA ILE A 335 -6.71 -18.47 11.37
C ILE A 335 -6.16 -18.26 9.97
N ALA A 336 -7.05 -18.02 9.01
CA ALA A 336 -6.68 -18.06 7.60
C ALA A 336 -7.50 -17.06 6.80
N GLU A 337 -6.86 -16.46 5.79
CA GLU A 337 -7.53 -15.69 4.75
C GLU A 337 -7.33 -16.39 3.41
N LEU A 338 -8.37 -16.38 2.58
CA LEU A 338 -8.27 -16.88 1.21
C LEU A 338 -8.31 -15.70 0.26
N PHE A 339 -7.46 -15.74 -0.76
CA PHE A 339 -7.48 -14.71 -1.80
C PHE A 339 -7.10 -15.34 -3.13
N THR A 340 -7.56 -14.70 -4.20
CA THR A 340 -7.26 -15.13 -5.55
C THR A 340 -6.48 -14.05 -6.28
N VAL A 341 -5.68 -14.48 -7.26
CA VAL A 341 -5.07 -13.59 -8.23
C VAL A 341 -5.20 -14.25 -9.60
N ARG A 342 -5.01 -13.45 -10.65
CA ARG A 342 -4.97 -13.95 -12.02
C ARG A 342 -3.56 -13.79 -12.55
N VAL A 343 -3.03 -14.86 -13.16
CA VAL A 343 -1.71 -14.84 -13.75
C VAL A 343 -1.77 -15.37 -15.18
N LYS A 344 -0.81 -14.91 -15.98
CA LYS A 344 -0.70 -15.37 -17.37
C LYS A 344 -0.01 -16.73 -17.44
N LYS A 345 0.96 -16.97 -16.56
CA LYS A 345 1.80 -18.17 -16.61
C LYS A 345 1.80 -18.86 -15.26
N LEU A 346 1.59 -20.17 -15.26
CA LEU A 346 1.61 -20.96 -14.04
C LEU A 346 2.91 -20.76 -13.28
N GLU A 347 4.02 -20.55 -13.99
CA GLU A 347 5.30 -20.34 -13.32
C GLU A 347 5.28 -19.11 -12.42
N THR A 348 4.44 -18.11 -12.73
CA THR A 348 4.36 -16.94 -11.86
C THR A 348 3.84 -17.33 -10.48
N ALA A 349 2.86 -18.24 -10.42
CA ALA A 349 2.32 -18.65 -9.14
C ALA A 349 3.38 -19.36 -8.30
N HIS A 350 4.19 -20.21 -8.93
CA HIS A 350 5.33 -20.80 -8.24
C HIS A 350 6.23 -19.70 -7.66
N LYS A 351 6.52 -18.66 -8.46
CA LYS A 351 7.39 -17.59 -7.98
C LYS A 351 6.74 -16.77 -6.86
N MET A 352 5.41 -16.62 -6.86
CA MET A 352 4.82 -15.94 -5.71
C MET A 352 4.93 -16.79 -4.44
N VAL A 353 4.83 -18.10 -4.55
CA VAL A 353 4.97 -18.94 -3.37
C VAL A 353 6.36 -18.74 -2.75
N THR A 354 7.40 -18.84 -3.57
CA THR A 354 8.76 -18.57 -3.10
C THR A 354 8.87 -17.19 -2.46
N HIS A 355 8.32 -16.18 -3.12
CA HIS A 355 8.41 -14.81 -2.62
C HIS A 355 7.70 -14.66 -1.28
N PHE A 356 6.53 -15.30 -1.14
CA PHE A 356 5.81 -15.25 0.14
C PHE A 356 6.63 -15.91 1.26
N GLU A 357 7.28 -17.03 0.96
CA GLU A 357 8.14 -17.69 1.94
C GLU A 357 9.26 -16.75 2.40
N ARG A 358 9.90 -16.06 1.45
CA ARG A 358 10.98 -15.16 1.79
C ARG A 358 10.50 -14.01 2.66
N LEU A 359 9.25 -13.59 2.50
CA LEU A 359 8.68 -12.58 3.38
C LEU A 359 8.27 -13.16 4.74
N ARG A 360 8.57 -14.43 5.00
CA ARG A 360 8.16 -15.09 6.24
C ARG A 360 6.64 -15.08 6.41
N LEU A 361 5.95 -15.53 5.38
CA LEU A 361 4.51 -15.72 5.41
C LEU A 361 4.20 -17.17 5.12
N LYS A 362 3.20 -17.72 5.81
CA LYS A 362 2.79 -19.11 5.62
C LYS A 362 1.62 -19.10 4.64
N ILE A 363 1.93 -19.25 3.35
CA ILE A 363 0.95 -19.18 2.27
C ILE A 363 1.19 -20.37 1.35
N HIS A 364 0.12 -21.09 1.01
CA HIS A 364 0.19 -22.15 0.03
C HIS A 364 -0.95 -22.00 -0.98
N ILE A 365 -0.83 -22.74 -2.07
CA ILE A 365 -1.83 -22.73 -3.14
C ILE A 365 -2.98 -23.68 -2.77
N ASP A 366 -4.19 -23.14 -2.73
CA ASP A 366 -5.38 -23.89 -2.35
C ASP A 366 -6.18 -24.41 -3.52
N ASP A 367 -6.15 -23.73 -4.66
CA ASP A 367 -7.01 -24.06 -5.80
C ASP A 367 -6.48 -23.34 -7.02
N ILE A 368 -6.73 -23.93 -8.18
CA ILE A 368 -6.34 -23.38 -9.47
C ILE A 368 -7.49 -23.61 -10.43
N GLU A 369 -7.74 -22.64 -11.29
CA GLU A 369 -8.70 -22.79 -12.37
C GLU A 369 -8.17 -22.02 -13.56
N VAL A 370 -8.52 -22.46 -14.76
CA VAL A 370 -8.20 -21.72 -15.97
C VAL A 370 -9.46 -20.96 -16.39
N LEU A 371 -9.30 -19.68 -16.72
CA LEU A 371 -10.46 -18.86 -17.05
C LEU A 371 -10.69 -18.84 -18.55
N ASP A 372 -11.93 -18.52 -18.94
CA ASP A 372 -12.29 -18.55 -20.35
C ASP A 372 -11.46 -17.61 -21.21
N ASN A 373 -10.65 -16.72 -20.62
CA ASN A 373 -9.77 -15.86 -21.40
C ASN A 373 -8.33 -16.36 -21.42
N GLY A 374 -8.07 -17.54 -20.85
CA GLY A 374 -6.73 -18.09 -20.86
C GLY A 374 -5.88 -17.80 -19.64
N TYR A 375 -6.33 -16.91 -18.77
CA TYR A 375 -5.60 -16.64 -17.54
C TYR A 375 -5.83 -17.75 -16.53
N TRP A 376 -4.82 -17.98 -15.69
CA TRP A 376 -4.98 -18.82 -14.52
C TRP A 376 -5.48 -18.00 -13.34
N ARG A 377 -6.54 -18.48 -12.68
CA ARG A 377 -6.97 -17.94 -11.40
C ARG A 377 -6.41 -18.81 -10.28
N ILE A 378 -5.51 -18.25 -9.48
CA ILE A 378 -4.88 -18.96 -8.37
C ILE A 378 -5.57 -18.55 -7.08
N THR A 379 -6.04 -19.53 -6.31
CA THR A 379 -6.53 -19.29 -4.97
C THR A 379 -5.43 -19.66 -3.98
N PHE A 380 -4.98 -18.67 -3.20
CA PHE A 380 -4.00 -18.86 -2.15
C PHE A 380 -4.68 -18.88 -0.79
N LYS A 381 -4.10 -19.62 0.14
CA LYS A 381 -4.52 -19.60 1.55
C LYS A 381 -3.36 -19.11 2.40
N ARG A 382 -3.58 -18.02 3.12
CA ARG A 382 -2.58 -17.46 4.01
C ARG A 382 -3.03 -17.73 5.44
N VAL A 383 -2.19 -18.43 6.21
CA VAL A 383 -2.48 -18.71 7.61
C VAL A 383 -1.66 -17.76 8.48
N TYR A 384 -2.12 -17.57 9.72
CA TYR A 384 -1.56 -16.60 10.65
C TYR A 384 -1.16 -17.33 11.94
N PRO A 385 -0.01 -18.02 11.94
CA PRO A 385 0.31 -18.90 13.07
C PRO A 385 0.64 -18.16 14.37
N ASP A 386 1.23 -16.97 14.32
CA ASP A 386 1.52 -16.23 15.56
C ASP A 386 0.24 -15.70 16.22
N ALA A 387 -0.65 -15.11 15.42
CA ALA A 387 -1.94 -14.71 15.99
C ALA A 387 -2.71 -15.92 16.51
N THR A 388 -2.70 -17.03 15.75
CA THR A 388 -3.39 -18.24 16.17
C THR A 388 -2.87 -18.75 17.51
N LYS A 389 -1.53 -18.79 17.65
CA LYS A 389 -0.95 -19.32 18.89
C LYS A 389 -1.41 -18.52 20.10
N GLU A 390 -1.26 -17.19 20.04
CA GLU A 390 -1.65 -16.36 21.18
C GLU A 390 -3.13 -16.51 21.49
N MET A 391 -3.97 -16.48 20.46
CA MET A 391 -5.40 -16.58 20.69
C MET A 391 -5.74 -17.91 21.35
N ARG A 392 -5.05 -18.98 20.94
CA ARG A 392 -5.33 -20.31 21.48
C ARG A 392 -4.82 -20.45 22.90
N GLU A 393 -3.65 -19.89 23.20
CA GLU A 393 -3.15 -19.96 24.57
C GLU A 393 -4.08 -19.22 25.52
N LEU A 394 -4.64 -18.10 25.08
CA LEU A 394 -5.58 -17.38 25.93
C LEU A 394 -6.84 -18.20 26.16
N TRP A 395 -7.41 -18.75 25.08
CA TRP A 395 -8.57 -19.63 25.20
C TRP A 395 -8.30 -20.79 26.14
N ASN A 396 -7.08 -21.32 26.15
CA ASN A 396 -6.76 -22.46 26.99
C ASN A 396 -6.33 -22.06 28.39
N GLY A 397 -6.60 -20.82 28.78
CA GLY A 397 -6.45 -20.43 30.17
C GLY A 397 -5.07 -19.98 30.59
N HIS A 398 -4.19 -19.62 29.66
CA HIS A 398 -2.90 -19.09 30.04
C HIS A 398 -3.09 -17.80 30.84
N ALA A 399 -2.40 -17.74 31.98
CA ALA A 399 -2.45 -16.58 32.86
C ALA A 399 -1.28 -15.66 32.58
N PHE A 400 -1.52 -14.36 32.61
CA PHE A 400 -0.51 -13.40 32.21
C PHE A 400 -0.69 -12.10 33.00
N VAL A 401 0.42 -11.42 33.22
CA VAL A 401 0.44 -10.14 33.92
C VAL A 401 -0.13 -9.01 33.06
PG ATP B . 1.03 4.30 7.30
O1G ATP B . 0.03 5.39 7.50
O2G ATP B . 2.47 4.81 7.16
O3G ATP B . 0.99 3.20 8.37
PB ATP B . 0.51 3.82 4.36
O1B ATP B . 1.69 4.47 3.75
O2B ATP B . 0.14 2.50 3.67
O3B ATP B . 0.75 3.51 5.92
PA ATP B . -2.05 5.04 3.40
O1A ATP B . -3.32 5.30 4.11
O2A ATP B . -2.22 3.81 2.50
O3A ATP B . -0.79 4.74 4.38
O5' ATP B . -1.60 6.33 2.63
C5' ATP B . -0.37 6.37 1.88
C4' ATP B . -0.46 5.48 0.68
O4' ATP B . -1.72 5.66 0.00
C3' ATP B . 0.56 5.73 -0.42
O3' ATP B . 1.80 5.15 -0.06
C2' ATP B . -0.09 5.03 -1.62
O2' ATP B . 0.21 3.63 -1.61
C1' ATP B . -1.59 5.18 -1.34
N9 ATP B . -2.34 6.06 -2.23
C8 ATP B . -3.61 5.82 -2.70
N7 ATP B . -4.09 6.78 -3.45
C5 ATP B . -3.07 7.73 -3.47
C6 ATP B . -2.95 8.97 -4.11
N6 ATP B . -3.91 9.52 -4.88
N1 ATP B . -1.80 9.66 -3.94
C2 ATP B . -0.85 9.12 -3.18
N3 ATP B . -0.84 7.95 -2.53
C4 ATP B . -1.99 7.30 -2.71
C1 GOL C . -25.25 -11.64 16.81
O1 GOL C . -24.74 -10.37 16.53
C2 GOL C . -24.08 -12.68 16.90
O2 GOL C . -24.53 -13.97 16.65
C3 GOL C . -22.99 -12.20 15.86
O3 GOL C . -21.98 -13.20 15.80
C1 GOL D . -3.67 -6.37 6.75
O1 GOL D . -4.33 -6.27 7.97
C2 GOL D . -4.18 -7.67 6.06
O2 GOL D . -5.54 -7.82 6.16
C3 GOL D . -3.72 -7.54 4.59
O3 GOL D . -4.05 -8.75 4.00
N1 SPD E . -17.32 28.02 9.72
C2 SPD E . -16.66 26.92 9.03
C3 SPD E . -17.20 26.82 7.60
C4 SPD E . -18.69 27.17 7.60
C5 SPD E . -19.52 25.91 7.38
N6 SPD E . -20.72 26.17 6.61
C7 SPD E . -20.41 26.94 5.43
C8 SPD E . -21.20 28.24 5.46
C9 SPD E . -20.26 29.41 5.18
N10 SPD E . -19.84 29.37 3.79
C1 GOL F . -8.56 -27.25 0.62
O1 GOL F . -9.30 -26.44 1.48
C2 GOL F . -9.45 -28.44 0.23
O2 GOL F . -10.60 -28.03 -0.42
C3 GOL F . -8.54 -29.33 -0.67
O3 GOL F . -7.31 -29.45 -0.02
C1 GOL G . -22.12 3.17 9.78
O1 GOL G . -23.10 3.70 10.60
C2 GOL G . -22.59 3.34 8.33
O2 GOL G . -23.59 4.29 8.22
C3 GOL G . -21.31 3.76 7.55
O3 GOL G . -20.45 2.66 7.58
MG MG H . -3.25 2.18 1.71
MG MG I . -8.89 -0.27 4.03
MG MG J . -11.53 -24.95 14.09
NA NA K . -9.96 -10.97 -2.66
NA NA L . 2.45 6.04 4.74
NA NA M . -12.18 -23.43 -16.73
#